data_6FTB
#
_entry.id   6FTB
#
_cell.length_a   114.422
_cell.length_b   114.422
_cell.length_c   128.844
_cell.angle_alpha   90.00
_cell.angle_beta   90.00
_cell.angle_gamma   120.00
#
_symmetry.space_group_name_H-M   'H 3 2'
#
loop_
_entity.id
_entity.type
_entity.pdbx_description
1 polymer 'Monofunctional glycosyltransferase'
2 non-polymer MOENOMYCIN
3 non-polymer 1,2-ETHANEDIOL
4 non-polymer 'PHOSPHATE ION'
5 non-polymer '(2R)-2,3-dihydroxypropyl dodecanoate'
6 water water
#
_entity_poly.entity_id   1
_entity_poly.type   'polypeptide(L)'
_entity_poly.pdbx_seq_one_letter_code
;ENLYFQGHMDNVDELRKIENKSSFVSADNMPEYVKGAFISMQDERFYNHHGFDLKGTTRALFSTISDRDVQGGSTITQQV
VKNYFYDNDRSFTRKVKELFVAHRVEKQYNKNEILSFYLNNIYFGDNQYTLEGAANHYFGTTVNKNSTTMSHITVLQSAI
LASKVNAPSVYNINNMSENFTQRVSTNLEKMKQQNYINETQYQQAMSQLN
;
_entity_poly.pdbx_strand_id   A
#
# COMPACT_ATOMS: atom_id res chain seq x y z
N GLU A 1 -2.77 -5.54 17.56
CA GLU A 1 -1.85 -5.01 18.56
C GLU A 1 -0.51 -4.58 17.94
N ASN A 2 -0.39 -3.29 17.63
CA ASN A 2 0.79 -2.71 16.99
C ASN A 2 1.17 -1.36 17.66
N LEU A 3 0.67 -1.17 18.90
CA LEU A 3 0.85 0.05 19.71
C LEU A 3 2.27 0.55 19.81
N TYR A 4 3.25 -0.37 19.94
CA TYR A 4 4.65 0.01 20.06
C TYR A 4 5.15 0.81 18.85
N PHE A 5 4.63 0.51 17.67
CA PHE A 5 5.01 1.11 16.39
C PHE A 5 4.06 2.25 16.01
N GLN A 6 3.42 2.83 17.03
CA GLN A 6 2.54 3.98 16.90
C GLN A 6 3.01 5.05 17.91
N GLY A 7 2.59 6.30 17.73
CA GLY A 7 3.01 7.39 18.62
C GLY A 7 2.36 8.72 18.27
N HIS A 8 2.95 9.82 18.76
CA HIS A 8 2.44 11.19 18.57
C HIS A 8 3.25 11.97 17.60
N MET A 9 4.36 11.38 17.11
CA MET A 9 5.23 12.04 16.15
C MET A 9 5.80 13.36 16.70
N ASP A 10 6.50 13.30 17.82
CA ASP A 10 7.24 14.48 18.34
C ASP A 10 8.39 14.74 17.36
N ASN A 11 8.90 13.68 16.75
N ASN A 11 8.91 13.66 16.78
CA ASN A 11 9.96 13.74 15.75
CA ASN A 11 10.03 13.64 15.84
C ASN A 11 9.60 12.71 14.71
C ASN A 11 9.65 12.65 14.73
N VAL A 12 9.88 12.99 13.43
CA VAL A 12 9.59 12.02 12.32
C VAL A 12 10.51 10.80 12.37
N ASP A 13 11.59 10.84 13.20
CA ASP A 13 12.49 9.68 13.30
C ASP A 13 11.85 8.54 14.07
N GLU A 14 10.68 8.80 14.64
CA GLU A 14 9.92 7.76 15.32
C GLU A 14 9.53 6.63 14.36
N LEU A 15 9.42 6.93 13.06
CA LEU A 15 9.11 5.92 12.03
C LEU A 15 10.23 4.91 11.86
N ARG A 16 11.50 5.30 12.21
CA ARG A 16 12.65 4.40 12.08
C ARG A 16 12.52 3.15 12.93
N LYS A 17 11.68 3.18 13.95
CA LYS A 17 11.54 2.02 14.81
C LYS A 17 10.80 0.84 14.12
N ILE A 18 10.02 1.11 13.03
CA ILE A 18 9.37 0.08 12.19
C ILE A 18 10.44 -0.90 11.61
N GLU A 19 11.67 -0.39 11.39
CA GLU A 19 12.79 -1.16 10.87
C GLU A 19 13.23 -2.34 11.76
N ASN A 20 12.91 -2.28 13.05
CA ASN A 20 13.25 -3.37 13.99
C ASN A 20 12.19 -4.49 14.05
N LYS A 21 11.08 -4.39 13.27
CA LYS A 21 10.08 -5.47 13.24
C LYS A 21 10.76 -6.74 12.73
N SER A 22 10.47 -7.89 13.34
CA SER A 22 11.09 -9.15 12.93
C SER A 22 10.81 -9.50 11.47
N SER A 23 9.62 -9.15 10.98
CA SER A 23 9.28 -9.47 9.59
C SER A 23 9.48 -8.27 8.69
N PHE A 24 10.21 -7.24 9.17
CA PHE A 24 10.49 -6.06 8.34
C PHE A 24 11.17 -6.50 7.06
N VAL A 25 10.72 -5.94 5.92
CA VAL A 25 11.32 -6.13 4.60
C VAL A 25 11.33 -4.75 3.97
N SER A 26 12.53 -4.30 3.61
CA SER A 26 12.76 -3.01 2.94
C SER A 26 12.11 -2.97 1.55
N ALA A 27 11.57 -1.82 1.11
CA ALA A 27 11.00 -1.68 -0.25
C ALA A 27 12.06 -2.04 -1.31
N ASP A 28 13.34 -1.67 -1.09
CA ASP A 28 14.49 -2.02 -1.94
C ASP A 28 14.65 -3.53 -2.16
N ASN A 29 14.18 -4.33 -1.18
CA ASN A 29 14.28 -5.78 -1.21
C ASN A 29 13.05 -6.46 -1.75
N MET A 30 12.12 -5.68 -2.29
CA MET A 30 10.91 -6.29 -2.83
C MET A 30 10.91 -6.27 -4.36
N PRO A 31 10.26 -7.24 -5.03
CA PRO A 31 10.13 -7.13 -6.51
C PRO A 31 9.29 -5.89 -6.86
N GLU A 32 9.59 -5.27 -8.01
CA GLU A 32 8.90 -4.11 -8.55
C GLU A 32 7.40 -4.29 -8.65
N TYR A 33 6.92 -5.47 -9.10
CA TYR A 33 5.47 -5.64 -9.25
C TYR A 33 4.74 -5.68 -7.89
N VAL A 34 5.46 -6.06 -6.82
CA VAL A 34 4.92 -6.09 -5.45
C VAL A 34 4.65 -4.66 -5.01
N LYS A 35 5.67 -3.80 -5.12
CA LYS A 35 5.53 -2.37 -4.79
C LYS A 35 4.46 -1.73 -5.71
N GLY A 36 4.54 -2.06 -7.01
CA GLY A 36 3.59 -1.58 -8.02
C GLY A 36 2.15 -1.95 -7.71
N ALA A 37 1.92 -3.11 -7.08
CA ALA A 37 0.54 -3.50 -6.70
C ALA A 37 -0.07 -2.41 -5.78
N PHE A 38 0.71 -1.94 -4.78
CA PHE A 38 0.33 -0.89 -3.81
C PHE A 38 0.34 0.50 -4.42
N ILE A 39 1.42 0.83 -5.15
CA ILE A 39 1.52 2.14 -5.79
C ILE A 39 0.35 2.37 -6.78
N SER A 40 0.07 1.38 -7.65
CA SER A 40 -0.97 1.50 -8.67
C SER A 40 -2.38 1.65 -8.07
N MET A 41 -2.65 0.96 -6.98
CA MET A 41 -3.95 0.95 -6.30
C MET A 41 -4.18 2.14 -5.35
N GLN A 42 -3.11 2.67 -4.76
CA GLN A 42 -3.18 3.69 -3.72
C GLN A 42 -2.74 5.07 -4.12
N ASP A 43 -1.71 5.17 -4.99
CA ASP A 43 -1.08 6.46 -5.28
C ASP A 43 -0.10 6.30 -6.46
N GLU A 44 -0.63 6.31 -7.70
CA GLU A 44 0.13 6.07 -8.93
C GLU A 44 1.34 6.97 -9.11
N ARG A 45 1.25 8.25 -8.77
CA ARG A 45 2.40 9.15 -8.96
C ARG A 45 3.20 9.32 -7.68
N PHE A 46 3.16 8.29 -6.80
CA PHE A 46 3.88 8.26 -5.53
C PHE A 46 5.32 8.81 -5.64
N TYR A 47 6.15 8.29 -6.58
CA TYR A 47 7.54 8.72 -6.76
C TYR A 47 7.72 10.15 -7.22
N ASN A 48 6.74 10.68 -7.95
CA ASN A 48 6.80 12.00 -8.56
C ASN A 48 6.31 13.17 -7.71
N HIS A 49 5.36 12.96 -6.81
CA HIS A 49 4.83 14.09 -6.04
C HIS A 49 5.58 14.31 -4.73
N HIS A 50 5.16 15.31 -3.96
CA HIS A 50 5.78 15.64 -2.68
C HIS A 50 4.82 15.37 -1.50
N GLY A 51 4.00 14.33 -1.67
CA GLY A 51 3.07 13.83 -0.66
C GLY A 51 1.62 14.22 -0.78
N PHE A 52 1.28 15.09 -1.78
CA PHE A 52 -0.06 15.66 -1.94
C PHE A 52 -0.65 15.43 -3.33
N ASP A 53 0.18 15.29 -4.38
CA ASP A 53 -0.33 15.01 -5.74
C ASP A 53 -1.39 16.02 -6.25
N LEU A 54 -1.25 17.29 -5.87
CA LEU A 54 -2.17 18.37 -6.24
C LEU A 54 -2.40 18.49 -7.74
N LYS A 55 -1.31 18.46 -8.56
CA LYS A 55 -1.36 18.58 -10.02
C LYS A 55 -2.12 17.45 -10.68
N GLY A 56 -1.71 16.20 -10.41
CA GLY A 56 -2.31 15.00 -10.97
C GLY A 56 -3.78 14.82 -10.59
N THR A 57 -4.11 15.19 -9.36
CA THR A 57 -5.46 15.13 -8.82
C THR A 57 -6.33 16.14 -9.59
N THR A 58 -5.82 17.36 -9.77
CA THR A 58 -6.53 18.44 -10.47
C THR A 58 -6.75 18.04 -11.93
N ARG A 59 -5.75 17.44 -12.62
CA ARG A 59 -5.93 16.98 -14.00
C ARG A 59 -6.98 15.88 -14.07
N ALA A 60 -6.89 14.83 -13.21
CA ALA A 60 -7.82 13.69 -13.19
C ALA A 60 -9.27 14.16 -13.05
N LEU A 61 -9.44 15.24 -12.30
CA LEU A 61 -10.70 15.90 -12.03
C LEU A 61 -11.21 16.71 -13.23
N PHE A 62 -10.39 17.61 -13.83
CA PHE A 62 -10.88 18.52 -14.87
C PHE A 62 -10.35 18.34 -16.32
N SER A 63 -9.39 17.45 -16.60
CA SER A 63 -8.91 17.26 -17.98
C SER A 63 -9.88 16.41 -18.82
N THR A 64 -10.43 15.34 -18.22
CA THR A 64 -11.37 14.42 -18.88
C THR A 64 -12.66 14.38 -18.11
N ILE A 65 -13.77 14.01 -18.80
CA ILE A 65 -15.07 13.83 -18.18
C ILE A 65 -15.06 12.49 -17.43
N SER A 66 -14.31 11.50 -17.93
CA SER A 66 -14.22 10.19 -17.29
C SER A 66 -13.60 10.23 -15.89
N ASP A 67 -13.85 9.20 -15.07
CA ASP A 67 -13.25 9.14 -13.74
C ASP A 67 -12.00 8.24 -13.79
N ARG A 68 -11.53 7.91 -15.00
CA ARG A 68 -10.42 6.98 -15.23
C ARG A 68 -9.15 7.26 -14.47
N ASP A 69 -8.83 8.53 -14.28
CA ASP A 69 -7.59 8.90 -13.60
C ASP A 69 -7.79 9.31 -12.15
N VAL A 70 -9.05 9.29 -11.68
CA VAL A 70 -9.39 9.64 -10.31
C VAL A 70 -8.92 8.52 -9.38
N GLN A 71 -8.26 8.90 -8.28
CA GLN A 71 -7.75 7.97 -7.28
C GLN A 71 -8.41 8.17 -5.94
N GLY A 72 -7.97 7.40 -4.95
CA GLY A 72 -8.50 7.48 -3.60
C GLY A 72 -8.11 8.74 -2.87
N GLY A 73 -8.68 8.90 -1.69
CA GLY A 73 -8.48 10.05 -0.84
C GLY A 73 -7.12 10.34 -0.22
N SER A 74 -6.15 9.39 -0.29
CA SER A 74 -4.90 9.60 0.42
C SER A 74 -3.69 9.01 -0.24
N THR A 75 -2.64 9.82 -0.32
CA THR A 75 -1.36 9.37 -0.86
C THR A 75 -0.78 8.37 0.15
N ILE A 76 0.20 7.60 -0.28
CA ILE A 76 0.88 6.65 0.60
C ILE A 76 1.48 7.36 1.81
N THR A 77 2.07 8.55 1.62
CA THR A 77 2.68 9.34 2.71
C THR A 77 1.63 9.71 3.78
N GLN A 78 0.42 10.10 3.34
CA GLN A 78 -0.68 10.43 4.25
C GLN A 78 -1.14 9.20 4.98
N GLN A 79 -1.14 8.04 4.30
CA GLN A 79 -1.51 6.76 4.92
C GLN A 79 -0.47 6.32 5.96
N VAL A 80 0.82 6.61 5.73
CA VAL A 80 1.89 6.30 6.68
C VAL A 80 1.64 7.06 8.00
N VAL A 81 1.33 8.37 7.90
CA VAL A 81 1.09 9.25 9.06
C VAL A 81 -0.14 8.78 9.82
N LYS A 82 -1.23 8.54 9.09
CA LYS A 82 -2.46 8.08 9.71
C LYS A 82 -2.24 6.77 10.50
N ASN A 83 -1.48 5.83 9.93
CA ASN A 83 -1.22 4.52 10.57
C ASN A 83 -0.18 4.57 11.70
N TYR A 84 0.66 5.60 11.69
CA TYR A 84 1.64 5.81 12.77
C TYR A 84 0.92 6.44 13.96
N PHE A 85 0.05 7.42 13.73
CA PHE A 85 -0.71 7.97 14.85
C PHE A 85 -1.62 6.88 15.43
N TYR A 86 -1.89 6.94 16.75
CA TYR A 86 -2.75 5.93 17.40
C TYR A 86 -4.12 5.89 16.74
N ASP A 87 -4.76 4.71 16.78
CA ASP A 87 -6.12 4.55 16.26
C ASP A 87 -7.01 5.64 16.84
N ASN A 88 -7.77 6.30 15.98
CA ASN A 88 -8.63 7.40 16.42
C ASN A 88 -9.81 7.56 15.52
N ASP A 89 -10.78 8.39 15.92
CA ASP A 89 -11.97 8.61 15.09
C ASP A 89 -11.55 9.43 13.87
N ARG A 90 -12.14 9.15 12.71
CA ARG A 90 -11.81 9.87 11.48
C ARG A 90 -12.54 11.19 11.39
N SER A 91 -11.81 12.28 11.23
CA SER A 91 -12.44 13.60 11.11
C SER A 91 -11.59 14.51 10.22
N PHE A 92 -12.12 15.68 9.81
CA PHE A 92 -11.37 16.67 9.01
C PHE A 92 -10.16 17.23 9.80
N THR A 93 -10.24 17.48 11.14
CA THR A 93 -9.07 17.98 11.92
C THR A 93 -7.93 16.98 11.92
N ARG A 94 -8.22 15.67 12.13
CA ARG A 94 -7.16 14.67 12.15
C ARG A 94 -6.55 14.51 10.76
N LYS A 95 -7.37 14.49 9.69
CA LYS A 95 -6.91 14.43 8.30
C LYS A 95 -5.97 15.61 7.96
N VAL A 96 -6.31 16.83 8.39
CA VAL A 96 -5.51 18.05 8.20
C VAL A 96 -4.17 17.96 8.91
N LYS A 97 -4.16 17.48 10.16
CA LYS A 97 -2.91 17.26 10.91
C LYS A 97 -2.05 16.23 10.13
N GLU A 98 -2.68 15.16 9.60
CA GLU A 98 -1.96 14.12 8.83
C GLU A 98 -1.28 14.69 7.56
N LEU A 99 -1.95 15.63 6.89
CA LEU A 99 -1.45 16.32 5.68
C LEU A 99 -0.21 17.14 6.03
N PHE A 100 -0.27 17.85 7.14
CA PHE A 100 0.79 18.68 7.65
C PHE A 100 2.04 17.85 7.99
N VAL A 101 1.84 16.76 8.69
CA VAL A 101 2.90 15.85 9.09
C VAL A 101 3.45 15.09 7.87
N ALA A 102 2.61 14.75 6.89
CA ALA A 102 3.05 14.12 5.62
C ALA A 102 4.11 15.00 4.92
N HIS A 103 3.97 16.33 5.01
CA HIS A 103 4.92 17.29 4.40
C HIS A 103 6.29 17.13 5.11
N ARG A 104 6.30 16.95 6.46
CA ARG A 104 7.48 16.75 7.30
C ARG A 104 8.13 15.39 6.98
N VAL A 105 7.31 14.36 6.74
CA VAL A 105 7.81 13.04 6.36
C VAL A 105 8.50 13.07 4.98
N GLU A 106 7.90 13.77 4.00
CA GLU A 106 8.43 13.95 2.63
C GLU A 106 9.76 14.73 2.64
N LYS A 107 9.87 15.74 3.50
CA LYS A 107 11.09 16.54 3.64
C LYS A 107 12.30 15.69 4.11
N GLN A 108 12.08 14.79 5.08
CA GLN A 108 13.12 13.97 5.69
C GLN A 108 13.51 12.69 4.95
N TYR A 109 12.52 12.00 4.43
CA TYR A 109 12.72 10.68 3.89
C TYR A 109 12.60 10.58 2.41
N ASN A 110 13.32 9.62 1.82
CA ASN A 110 13.21 9.36 0.38
C ASN A 110 11.98 8.47 0.16
N LYS A 111 11.59 8.24 -1.08
CA LYS A 111 10.40 7.48 -1.42
C LYS A 111 10.47 6.01 -1.01
N ASN A 112 11.67 5.40 -1.07
CA ASN A 112 11.82 4.00 -0.68
C ASN A 112 11.68 3.80 0.83
N GLU A 113 12.12 4.77 1.63
CA GLU A 113 11.99 4.78 3.10
C GLU A 113 10.53 4.93 3.47
N ILE A 114 9.83 5.89 2.80
CA ILE A 114 8.39 6.10 3.02
C ILE A 114 7.64 4.84 2.65
N LEU A 115 7.92 4.29 1.46
CA LEU A 115 7.26 3.04 1.04
C LEU A 115 7.54 1.89 2.01
N SER A 116 8.76 1.81 2.60
CA SER A 116 9.09 0.77 3.59
C SER A 116 8.28 0.99 4.87
N PHE A 117 8.11 2.25 5.34
CA PHE A 117 7.29 2.53 6.52
C PHE A 117 5.85 2.17 6.22
N TYR A 118 5.41 2.40 4.99
CA TYR A 118 4.05 2.04 4.59
C TYR A 118 3.79 0.53 4.68
N LEU A 119 4.51 -0.25 3.90
CA LEU A 119 4.30 -1.71 3.78
C LEU A 119 4.61 -2.51 5.05
N ASN A 120 5.31 -1.92 6.00
CA ASN A 120 5.68 -2.59 7.23
C ASN A 120 4.93 -2.03 8.44
N ASN A 121 3.92 -1.17 8.25
CA ASN A 121 3.15 -0.63 9.40
C ASN A 121 1.69 -0.25 9.05
N ILE A 122 1.03 -1.13 8.29
CA ILE A 122 -0.38 -1.00 7.94
C ILE A 122 -1.06 -2.35 8.26
N TYR A 123 -2.37 -2.35 8.49
CA TYR A 123 -3.11 -3.56 8.85
C TYR A 123 -3.56 -4.35 7.64
N PHE A 124 -3.20 -5.62 7.59
CA PHE A 124 -3.56 -6.50 6.48
C PHE A 124 -4.65 -7.49 6.88
N GLY A 125 -5.01 -7.53 8.16
CA GLY A 125 -5.99 -8.49 8.68
C GLY A 125 -5.29 -9.54 9.51
N ASP A 126 -6.05 -10.30 10.33
CA ASP A 126 -5.52 -11.39 11.17
C ASP A 126 -4.22 -11.04 11.93
N ASN A 127 -4.21 -9.85 12.56
CA ASN A 127 -3.10 -9.40 13.39
C ASN A 127 -1.79 -9.22 12.62
N GLN A 128 -1.86 -8.96 11.30
CA GLN A 128 -0.65 -8.76 10.49
C GLN A 128 -0.50 -7.30 10.17
N TYR A 129 0.60 -6.71 10.63
CA TYR A 129 0.91 -5.30 10.39
C TYR A 129 2.13 -5.12 9.48
N THR A 130 2.55 -6.19 8.78
CA THR A 130 3.64 -6.06 7.79
C THR A 130 3.22 -6.83 6.57
N LEU A 131 3.71 -6.43 5.40
CA LEU A 131 3.43 -7.09 4.14
C LEU A 131 4.01 -8.53 4.17
N GLU A 132 5.26 -8.70 4.70
CA GLU A 132 5.87 -10.06 4.84
C GLU A 132 5.06 -10.98 5.79
N GLY A 133 4.64 -10.47 6.93
CA GLY A 133 3.77 -11.20 7.85
C GLY A 133 2.49 -11.66 7.17
N ALA A 134 1.85 -10.76 6.38
CA ALA A 134 0.62 -11.06 5.62
C ALA A 134 0.84 -12.12 4.54
N ALA A 135 1.84 -11.93 3.66
CA ALA A 135 2.15 -12.87 2.58
C ALA A 135 2.42 -14.26 3.19
N ASN A 136 3.20 -14.32 4.29
CA ASN A 136 3.51 -15.59 4.99
C ASN A 136 2.25 -16.23 5.51
N HIS A 137 1.47 -15.48 6.29
CA HIS A 137 0.24 -15.94 6.92
C HIS A 137 -0.82 -16.39 5.92
N TYR A 138 -1.10 -15.57 4.90
CA TYR A 138 -2.15 -15.86 3.93
C TYR A 138 -1.80 -16.86 2.85
N PHE A 139 -0.56 -16.77 2.32
CA PHE A 139 -0.17 -17.58 1.17
C PHE A 139 1.05 -18.45 1.38
N GLY A 140 1.81 -18.19 2.45
CA GLY A 140 3.07 -18.86 2.71
C GLY A 140 4.11 -18.46 1.68
N THR A 141 3.97 -17.22 1.16
CA THR A 141 4.91 -16.67 0.16
C THR A 141 5.67 -15.54 0.79
N THR A 142 6.70 -15.05 0.09
CA THR A 142 7.59 -14.00 0.59
C THR A 142 7.68 -12.86 -0.39
N VAL A 143 7.93 -11.65 0.13
CA VAL A 143 8.08 -10.42 -0.66
C VAL A 143 9.57 -10.04 -0.74
N ASN A 144 10.44 -10.87 -0.15
CA ASN A 144 11.87 -10.64 -0.26
C ASN A 144 12.28 -11.26 -1.59
N LYS A 145 12.66 -10.42 -2.57
CA LYS A 145 13.07 -10.81 -3.93
C LYS A 145 14.34 -11.71 -3.96
N ASN A 146 15.13 -11.73 -2.87
CA ASN A 146 16.37 -12.51 -2.77
C ASN A 146 16.18 -13.91 -2.25
N SER A 147 14.98 -14.26 -1.74
CA SER A 147 14.77 -15.57 -1.17
C SER A 147 14.99 -16.71 -2.18
N THR A 148 15.73 -17.74 -1.74
CA THR A 148 16.00 -18.95 -2.52
C THR A 148 15.30 -20.11 -1.80
N THR A 149 14.82 -19.81 -0.58
CA THR A 149 14.19 -20.69 0.39
C THR A 149 12.66 -20.75 0.29
N MET A 150 12.02 -19.59 0.05
CA MET A 150 10.56 -19.48 0.05
C MET A 150 9.92 -19.13 -1.30
N SER A 151 8.72 -19.65 -1.54
CA SER A 151 7.95 -19.32 -2.75
C SER A 151 7.67 -17.79 -2.74
N HIS A 152 7.87 -17.14 -3.88
CA HIS A 152 7.75 -15.71 -4.07
C HIS A 152 6.32 -15.34 -4.32
N ILE A 153 5.89 -14.21 -3.69
CA ILE A 153 4.53 -13.71 -3.79
C ILE A 153 4.16 -13.53 -5.25
N THR A 154 2.98 -14.01 -5.65
CA THR A 154 2.57 -13.85 -7.05
C THR A 154 2.02 -12.47 -7.32
N VAL A 155 1.76 -12.17 -8.59
CA VAL A 155 1.14 -10.94 -9.07
C VAL A 155 -0.24 -10.82 -8.43
N LEU A 156 -1.06 -11.91 -8.46
CA LEU A 156 -2.40 -11.93 -7.91
C LEU A 156 -2.43 -11.64 -6.44
N GLN A 157 -1.63 -12.39 -5.66
CA GLN A 157 -1.48 -12.26 -4.21
C GLN A 157 -1.04 -10.84 -3.80
N SER A 158 -0.18 -10.18 -4.61
CA SER A 158 0.28 -8.80 -4.38
C SER A 158 -0.90 -7.83 -4.51
N ALA A 159 -1.74 -8.00 -5.55
CA ALA A 159 -2.94 -7.20 -5.81
C ALA A 159 -3.99 -7.46 -4.74
N ILE A 160 -4.12 -8.72 -4.30
CA ILE A 160 -5.06 -9.09 -3.24
C ILE A 160 -4.70 -8.33 -1.94
N LEU A 161 -3.41 -8.26 -1.61
CA LEU A 161 -2.99 -7.59 -0.38
C LEU A 161 -3.06 -6.08 -0.49
N ALA A 162 -2.78 -5.52 -1.67
CA ALA A 162 -2.86 -4.07 -1.92
C ALA A 162 -4.28 -3.53 -1.87
N SER A 163 -5.27 -4.37 -2.20
CA SER A 163 -6.69 -4.06 -2.17
C SER A 163 -7.21 -4.35 -0.79
N LYS A 164 -6.67 -5.38 -0.13
CA LYS A 164 -7.12 -5.75 1.20
C LYS A 164 -6.99 -4.65 2.27
N VAL A 165 -5.95 -3.81 2.17
CA VAL A 165 -5.65 -2.81 3.18
C VAL A 165 -6.69 -1.70 3.26
N ASN A 166 -7.60 -1.62 2.28
CA ASN A 166 -8.68 -0.62 2.28
C ASN A 166 -9.77 -1.03 3.27
N ALA A 167 -9.93 -2.33 3.54
CA ALA A 167 -10.94 -2.84 4.51
C ALA A 167 -10.44 -4.20 4.98
N PRO A 168 -9.32 -4.22 5.76
CA PRO A 168 -8.67 -5.49 6.10
C PRO A 168 -9.46 -6.44 7.00
N SER A 169 -10.42 -5.90 7.75
CA SER A 169 -11.24 -6.73 8.62
C SER A 169 -12.44 -7.26 7.86
N VAL A 170 -12.74 -6.70 6.67
CA VAL A 170 -13.93 -7.09 5.93
C VAL A 170 -13.56 -7.97 4.72
N TYR A 171 -12.61 -7.50 3.90
CA TYR A 171 -12.16 -8.22 2.73
C TYR A 171 -11.50 -9.54 3.18
N ASN A 172 -12.10 -10.65 2.79
CA ASN A 172 -11.68 -11.99 3.16
C ASN A 172 -11.09 -12.74 1.97
N ILE A 173 -9.82 -13.13 2.10
CA ILE A 173 -9.05 -13.84 1.07
C ILE A 173 -9.64 -15.21 0.69
N ASN A 174 -10.10 -15.98 1.71
CA ASN A 174 -10.67 -17.32 1.54
C ASN A 174 -12.04 -17.30 0.85
N ASN A 175 -12.92 -16.38 1.28
CA ASN A 175 -14.26 -16.22 0.75
C ASN A 175 -14.39 -14.78 0.24
N MET A 176 -13.85 -14.52 -0.96
CA MET A 176 -13.86 -13.18 -1.60
C MET A 176 -15.23 -12.76 -2.06
N SER A 177 -15.70 -11.59 -1.58
CA SER A 177 -16.98 -11.00 -1.96
C SER A 177 -16.83 -10.50 -3.37
N GLU A 178 -17.95 -10.29 -4.06
CA GLU A 178 -17.94 -9.76 -5.42
C GLU A 178 -17.19 -8.41 -5.45
N ASN A 179 -17.38 -7.57 -4.41
CA ASN A 179 -16.77 -6.23 -4.29
C ASN A 179 -15.27 -6.33 -4.15
N PHE A 180 -14.80 -7.21 -3.27
CA PHE A 180 -13.37 -7.47 -3.06
C PHE A 180 -12.73 -7.97 -4.38
N THR A 181 -13.37 -8.93 -5.09
CA THR A 181 -12.76 -9.41 -6.36
C THR A 181 -12.84 -8.33 -7.44
N GLN A 182 -13.83 -7.40 -7.42
CA GLN A 182 -13.84 -6.26 -8.37
C GLN A 182 -12.67 -5.32 -8.09
N ARG A 183 -12.38 -5.06 -6.78
N ARG A 183 -12.38 -5.04 -6.80
CA ARG A 183 -11.26 -4.18 -6.37
CA ARG A 183 -11.27 -4.15 -6.42
C ARG A 183 -9.94 -4.76 -6.88
C ARG A 183 -9.92 -4.75 -6.87
N VAL A 184 -9.71 -6.07 -6.62
CA VAL A 184 -8.50 -6.82 -7.03
C VAL A 184 -8.36 -6.78 -8.58
N SER A 185 -9.46 -7.02 -9.31
N SER A 185 -9.47 -7.01 -9.33
CA SER A 185 -9.48 -6.98 -10.79
CA SER A 185 -9.49 -6.97 -10.79
C SER A 185 -9.02 -5.62 -11.30
C SER A 185 -9.02 -5.62 -11.30
N THR A 186 -9.51 -4.52 -10.68
CA THR A 186 -9.14 -3.13 -11.03
C THR A 186 -7.66 -2.91 -10.71
N ASN A 187 -7.20 -3.42 -9.56
CA ASN A 187 -5.79 -3.35 -9.12
C ASN A 187 -4.90 -4.02 -10.19
N LEU A 188 -5.27 -5.25 -10.65
CA LEU A 188 -4.51 -5.95 -11.71
C LEU A 188 -4.47 -5.13 -13.00
N GLU A 189 -5.62 -4.53 -13.39
CA GLU A 189 -5.67 -3.68 -14.59
C GLU A 189 -4.76 -2.47 -14.46
N LYS A 190 -4.73 -1.82 -13.27
CA LYS A 190 -3.85 -0.66 -13.04
C LYS A 190 -2.38 -1.02 -13.08
N MET A 191 -2.02 -2.21 -12.51
CA MET A 191 -0.64 -2.74 -12.55
C MET A 191 -0.18 -2.92 -14.00
N LYS A 192 -1.08 -3.45 -14.87
CA LYS A 192 -0.83 -3.62 -16.32
C LYS A 192 -0.65 -2.25 -17.02
N GLN A 193 -1.63 -1.33 -16.87
CA GLN A 193 -1.61 0.01 -17.45
C GLN A 193 -0.39 0.82 -17.01
N GLN A 194 0.09 0.60 -15.76
CA GLN A 194 1.24 1.33 -15.24
C GLN A 194 2.56 0.60 -15.46
N ASN A 195 2.50 -0.51 -16.22
CA ASN A 195 3.62 -1.32 -16.69
C ASN A 195 4.44 -1.97 -15.58
N TYR A 196 3.77 -2.47 -14.52
CA TYR A 196 4.44 -3.20 -13.46
C TYR A 196 4.36 -4.67 -13.85
N ILE A 197 3.34 -5.03 -14.62
CA ILE A 197 3.09 -6.35 -15.15
C ILE A 197 2.77 -6.26 -16.67
N ASN A 198 2.82 -7.41 -17.36
CA ASN A 198 2.51 -7.51 -18.78
C ASN A 198 1.22 -8.30 -18.96
N GLU A 199 0.76 -8.41 -20.23
CA GLU A 199 -0.45 -9.12 -20.61
C GLU A 199 -0.47 -10.56 -20.11
N THR A 200 0.70 -11.24 -20.21
CA THR A 200 0.87 -12.63 -19.79
C THR A 200 0.56 -12.73 -18.31
N GLN A 201 1.29 -11.92 -17.50
CA GLN A 201 1.12 -11.84 -16.05
C GLN A 201 -0.32 -11.48 -15.66
N TYR A 202 -0.88 -10.45 -16.32
CA TYR A 202 -2.26 -9.99 -16.12
C TYR A 202 -3.26 -11.11 -16.36
N GLN A 203 -3.16 -11.82 -17.52
CA GLN A 203 -4.06 -12.93 -17.85
C GLN A 203 -3.89 -14.08 -16.90
N GLN A 204 -2.62 -14.44 -16.56
CA GLN A 204 -2.36 -15.51 -15.59
C GLN A 204 -3.06 -15.16 -14.27
N ALA A 205 -2.86 -13.90 -13.78
CA ALA A 205 -3.48 -13.42 -12.54
C ALA A 205 -5.01 -13.39 -12.61
N MET A 206 -5.60 -12.89 -13.74
CA MET A 206 -7.06 -12.88 -13.94
C MET A 206 -7.61 -14.29 -14.00
N SER A 207 -6.87 -15.24 -14.64
CA SER A 207 -7.24 -16.65 -14.72
C SER A 207 -7.29 -17.26 -13.33
N GLN A 208 -6.24 -16.99 -12.52
CA GLN A 208 -6.14 -17.49 -11.14
C GLN A 208 -7.24 -16.94 -10.26
N LEU A 209 -7.59 -15.64 -10.46
CA LEU A 209 -8.65 -14.97 -9.68
C LEU A 209 -10.01 -15.61 -10.01
N ASN A 210 -10.28 -15.79 -11.32
CA ASN A 210 -11.53 -16.39 -11.81
C ASN A 210 -11.67 -17.87 -11.40
#